data_2J0P
#
_entry.id   2J0P
#
_cell.length_a   74.941
_cell.length_b   77.593
_cell.length_c   114.291
_cell.angle_alpha   90.00
_cell.angle_beta   90.00
_cell.angle_gamma   90.00
#
_symmetry.space_group_name_H-M   'I 2 2 2'
#
loop_
_entity.id
_entity.type
_entity.pdbx_description
1 polymer 'HEMIN TRANSPORT PROTEIN HEMS'
2 non-polymer 'PROTOPORPHYRIN IX CONTAINING FE'
3 non-polymer 'DODECAETHYLENE GLYCOL'
4 non-polymer 'MALONATE ION'
5 non-polymer DI(HYDROXYETHYL)ETHER
6 water water
#
_entity_poly.entity_id   1
_entity_poly.type   'polypeptide(L)'
_entity_poly.pdbx_seq_one_letter_code
;MSKSIYEQYLQAKADNPGKYARDLATLMGISEAELTHSRVSHDAKRLKGDARALLAALEAVGEVKAITRNTYAVHEQMGR
YENQHLNGHAGLILNPRNLDLRLFLNQWASAFTLTEETRHGVRHSIQFFDHQGDALHKVYVTEQTDMPAWEALLAQFITT
ENPELQLEPLSAPEVTEPTATDEAVDAEWRAMTDVHEFFQLLKRNNLTRQQAFRAVGNDLAYQVDNSSLTQLLNIAQQEQ
NEIMIFVGNRGCVQIFTGMIEKVTPHQDWINVFNQRFTLHLIETTIAESWITRKPTKDGFVTSLELFAADGTQIAQLYGQ
RTEGQPEQTQWRDQIARLNNKDIAA
;
_entity_poly.pdbx_strand_id   A
#
# COMPACT_ATOMS: atom_id res chain seq x y z
N SER A 4 -29.16 7.26 -10.47
CA SER A 4 -29.04 8.36 -9.53
C SER A 4 -27.62 8.89 -9.46
N ILE A 5 -26.91 8.51 -8.40
CA ILE A 5 -25.55 8.93 -8.22
C ILE A 5 -24.82 8.19 -9.33
N TYR A 6 -25.39 7.10 -9.78
CA TYR A 6 -24.83 6.36 -10.86
C TYR A 6 -24.82 7.21 -12.13
N GLU A 7 -25.88 7.98 -12.32
CA GLU A 7 -26.06 8.90 -13.45
C GLU A 7 -24.99 9.98 -13.39
N GLN A 8 -24.68 10.50 -12.23
CA GLN A 8 -23.63 11.49 -12.16
C GLN A 8 -22.30 10.88 -12.57
N TYR A 9 -22.03 9.71 -12.06
CA TYR A 9 -20.80 8.98 -12.35
C TYR A 9 -20.63 8.85 -13.85
N LEU A 10 -21.67 8.41 -14.55
CA LEU A 10 -21.58 8.27 -15.98
C LEU A 10 -21.20 9.58 -16.67
N GLN A 11 -21.87 10.66 -16.28
CA GLN A 11 -21.58 11.99 -16.80
C GLN A 11 -20.17 12.42 -16.47
N ALA A 12 -19.78 12.30 -15.20
CA ALA A 12 -18.44 12.66 -14.77
C ALA A 12 -17.40 11.89 -15.56
N LYS A 13 -17.64 10.60 -15.76
CA LYS A 13 -16.70 9.74 -16.48
C LYS A 13 -16.58 10.24 -17.91
N ALA A 14 -17.71 10.53 -18.50
CA ALA A 14 -17.75 11.03 -19.86
C ALA A 14 -16.83 12.21 -19.97
N ASP A 15 -16.96 13.10 -19.02
CA ASP A 15 -16.20 14.31 -18.95
C ASP A 15 -14.82 14.29 -18.44
N ASN A 16 -14.29 13.14 -18.08
CA ASN A 16 -12.97 13.03 -17.55
C ASN A 16 -12.31 11.70 -17.84
N PRO A 17 -12.04 11.48 -19.11
CA PRO A 17 -11.48 10.22 -19.53
C PRO A 17 -10.18 9.76 -18.91
N GLY A 18 -9.32 10.62 -18.44
CA GLY A 18 -8.08 10.09 -17.89
C GLY A 18 -8.03 9.83 -16.42
N LYS A 19 -9.22 9.85 -15.84
CA LYS A 19 -9.43 9.69 -14.43
C LYS A 19 -10.02 8.35 -14.04
N TYR A 20 -9.48 7.81 -13.00
CA TYR A 20 -9.91 6.57 -12.52
C TYR A 20 -11.03 6.79 -11.51
N ALA A 21 -11.68 5.73 -11.12
CA ALA A 21 -12.74 5.84 -10.18
C ALA A 21 -12.39 6.63 -8.95
N ARG A 22 -11.22 6.44 -8.41
CA ARG A 22 -10.88 7.16 -7.21
C ARG A 22 -10.96 8.66 -7.45
N ASP A 23 -10.57 9.06 -8.64
CA ASP A 23 -10.56 10.47 -9.00
C ASP A 23 -11.95 11.02 -9.31
N LEU A 24 -12.77 10.21 -9.92
CA LEU A 24 -14.15 10.58 -10.20
C LEU A 24 -14.92 10.74 -8.91
N ALA A 25 -14.77 9.80 -7.98
CA ALA A 25 -15.44 9.90 -6.68
C ALA A 25 -15.18 11.26 -6.05
N THR A 26 -13.91 11.66 -5.97
CA THR A 26 -13.57 12.97 -5.42
C THR A 26 -14.31 14.10 -6.18
N LEU A 27 -14.23 14.07 -7.50
CA LEU A 27 -14.96 15.04 -8.31
C LEU A 27 -16.43 15.11 -7.94
N MET A 28 -17.00 13.96 -7.61
CA MET A 28 -18.40 13.83 -7.29
C MET A 28 -18.71 14.20 -5.85
N GLY A 29 -17.68 14.52 -5.09
CA GLY A 29 -17.83 14.84 -3.66
C GLY A 29 -18.15 13.65 -2.77
N ILE A 30 -17.70 12.46 -3.16
CA ILE A 30 -18.03 11.24 -2.40
C ILE A 30 -16.86 10.27 -2.28
N SER A 31 -16.99 9.27 -1.41
CA SER A 31 -15.95 8.26 -1.27
C SER A 31 -16.00 7.26 -2.42
N GLU A 32 -14.89 6.55 -2.66
CA GLU A 32 -14.90 5.55 -3.71
C GLU A 32 -15.86 4.41 -3.37
N ALA A 33 -15.99 4.11 -2.08
CA ALA A 33 -16.91 3.06 -1.65
C ALA A 33 -18.37 3.44 -2.00
N GLU A 34 -18.73 4.69 -1.76
CA GLU A 34 -20.06 5.17 -2.08
C GLU A 34 -20.29 5.14 -3.59
N LEU A 35 -19.29 5.51 -4.37
CA LEU A 35 -19.38 5.43 -5.82
C LEU A 35 -19.62 3.98 -6.24
N THR A 36 -18.83 3.06 -5.67
CA THR A 36 -18.93 1.67 -6.04
C THR A 36 -20.33 1.17 -5.64
N HIS A 37 -20.84 1.64 -4.52
CA HIS A 37 -22.14 1.19 -4.02
C HIS A 37 -23.21 1.58 -5.02
N SER A 38 -23.01 2.71 -5.69
CA SER A 38 -24.00 3.21 -6.64
C SER A 38 -23.98 2.44 -7.97
N ARG A 39 -22.85 1.77 -8.22
CA ARG A 39 -22.65 1.01 -9.45
C ARG A 39 -23.21 -0.40 -9.33
N VAL A 40 -23.66 -0.74 -8.15
CA VAL A 40 -24.25 -2.05 -7.92
C VAL A 40 -25.53 -2.21 -8.71
N SER A 41 -25.60 -3.31 -9.46
CA SER A 41 -26.69 -3.65 -10.33
C SER A 41 -26.41 -3.19 -11.75
N HIS A 42 -25.37 -2.39 -11.91
CA HIS A 42 -24.99 -1.91 -13.19
C HIS A 42 -23.75 -2.65 -13.59
N ASP A 43 -22.63 -2.34 -12.97
CA ASP A 43 -21.43 -3.09 -13.25
C ASP A 43 -20.72 -3.59 -12.00
N ALA A 44 -21.43 -3.59 -10.89
CA ALA A 44 -20.92 -4.06 -9.64
C ALA A 44 -21.95 -4.80 -8.85
N LYS A 45 -21.49 -5.67 -7.97
CA LYS A 45 -22.31 -6.39 -7.06
C LYS A 45 -21.67 -6.30 -5.70
N ARG A 46 -22.50 -6.34 -4.68
CA ARG A 46 -22.05 -6.29 -3.32
C ARG A 46 -21.69 -7.69 -2.85
N LEU A 47 -20.63 -7.78 -2.09
CA LEU A 47 -20.18 -9.04 -1.53
C LEU A 47 -20.38 -8.98 -0.06
N LYS A 48 -20.42 -10.14 0.58
CA LYS A 48 -20.53 -10.17 2.01
C LYS A 48 -19.33 -9.45 2.59
N GLY A 49 -19.53 -8.62 3.59
CA GLY A 49 -18.46 -7.88 4.16
C GLY A 49 -17.56 -8.59 5.13
N ASP A 50 -17.02 -9.71 4.72
CA ASP A 50 -16.17 -10.51 5.57
C ASP A 50 -14.80 -10.61 4.93
N ALA A 51 -13.92 -9.71 5.31
CA ALA A 51 -12.63 -9.64 4.73
C ALA A 51 -11.85 -10.92 4.82
N ARG A 52 -11.81 -11.48 5.99
CA ARG A 52 -11.05 -12.70 6.16
C ARG A 52 -11.58 -13.85 5.34
N ALA A 53 -12.87 -13.96 5.22
CA ALA A 53 -13.41 -15.05 4.43
C ALA A 53 -13.11 -14.88 2.96
N LEU A 54 -13.20 -13.66 2.50
CA LEU A 54 -12.91 -13.36 1.12
C LEU A 54 -11.44 -13.62 0.84
N LEU A 55 -10.59 -13.12 1.71
CA LEU A 55 -9.18 -13.30 1.52
C LEU A 55 -8.82 -14.76 1.45
N ALA A 56 -9.35 -15.51 2.39
CA ALA A 56 -9.05 -16.91 2.45
C ALA A 56 -9.48 -17.60 1.21
N ALA A 57 -10.63 -17.18 0.71
CA ALA A 57 -11.16 -17.79 -0.48
C ALA A 57 -10.35 -17.50 -1.73
N LEU A 58 -9.63 -16.41 -1.73
CA LEU A 58 -8.87 -16.03 -2.88
C LEU A 58 -7.70 -16.94 -3.13
N GLU A 59 -7.34 -17.72 -2.14
CA GLU A 59 -6.24 -18.63 -2.33
C GLU A 59 -6.53 -19.60 -3.46
N ALA A 60 -7.80 -19.87 -3.68
CA ALA A 60 -8.20 -20.80 -4.69
C ALA A 60 -8.10 -20.31 -6.13
N VAL A 61 -8.11 -19.03 -6.33
CA VAL A 61 -8.09 -18.52 -7.66
C VAL A 61 -6.77 -18.45 -8.38
N GLY A 62 -5.71 -18.70 -7.67
CA GLY A 62 -4.40 -18.66 -8.24
C GLY A 62 -3.87 -17.29 -8.53
N GLU A 63 -3.20 -17.14 -9.65
CA GLU A 63 -2.61 -15.90 -10.05
C GLU A 63 -3.54 -14.76 -10.30
N VAL A 64 -3.23 -13.62 -9.70
CA VAL A 64 -4.00 -12.41 -9.86
C VAL A 64 -3.06 -11.22 -9.84
N LYS A 65 -3.64 -10.03 -9.96
CA LYS A 65 -2.89 -8.81 -9.90
C LYS A 65 -3.45 -8.02 -8.74
N ALA A 66 -2.63 -7.82 -7.73
CA ALA A 66 -3.01 -7.14 -6.55
C ALA A 66 -2.54 -5.73 -6.53
N ILE A 67 -3.43 -4.82 -6.16
CA ILE A 67 -3.15 -3.43 -6.12
C ILE A 67 -3.51 -2.77 -4.82
N THR A 68 -2.53 -2.11 -4.23
CA THR A 68 -2.72 -1.39 -3.00
C THR A 68 -2.17 0.02 -3.24
N ARG A 69 -2.86 1.04 -2.78
CA ARG A 69 -2.38 2.37 -3.04
C ARG A 69 -2.81 3.35 -2.00
N ASN A 70 -2.20 4.51 -2.06
CA ASN A 70 -2.63 5.67 -1.35
C ASN A 70 -2.78 6.78 -2.35
N THR A 71 -2.95 7.98 -1.90
CA THR A 71 -3.17 8.99 -2.88
C THR A 71 -1.99 9.28 -3.75
N TYR A 72 -0.82 9.00 -3.24
CA TYR A 72 0.38 9.35 -3.92
C TYR A 72 1.20 8.26 -4.54
N ALA A 73 0.87 7.03 -4.27
CA ALA A 73 1.64 5.93 -4.80
C ALA A 73 0.76 4.71 -5.03
N VAL A 74 1.09 3.93 -6.05
CA VAL A 74 0.34 2.74 -6.41
C VAL A 74 1.31 1.60 -6.54
N HIS A 75 0.99 0.46 -5.93
CA HIS A 75 1.84 -0.71 -5.89
C HIS A 75 1.04 -1.82 -6.57
N GLU A 76 1.56 -2.38 -7.65
CA GLU A 76 0.85 -3.43 -8.40
C GLU A 76 1.75 -4.65 -8.40
N GLN A 77 1.25 -5.77 -7.88
CA GLN A 77 2.08 -6.97 -7.80
C GLN A 77 1.30 -8.17 -8.31
N MET A 78 1.97 -9.01 -9.09
N MET A 78 1.97 -9.01 -9.09
CA MET A 78 1.37 -10.22 -9.59
CA MET A 78 1.37 -10.20 -9.58
C MET A 78 1.71 -11.32 -8.60
C MET A 78 1.71 -11.32 -8.62
N GLY A 79 0.74 -12.14 -8.27
CA GLY A 79 1.00 -13.19 -7.30
C GLY A 79 -0.23 -13.93 -6.84
N ARG A 80 -0.06 -14.65 -5.72
CA ARG A 80 -1.08 -15.55 -5.19
C ARG A 80 -1.31 -15.28 -3.72
N TYR A 81 -2.56 -15.36 -3.31
CA TYR A 81 -2.97 -15.18 -1.91
C TYR A 81 -2.72 -16.44 -1.11
N GLU A 82 -1.46 -16.74 -0.90
CA GLU A 82 -1.11 -17.93 -0.17
C GLU A 82 -0.29 -17.62 1.08
N ASN A 83 -0.07 -18.62 1.89
CA ASN A 83 0.64 -18.41 3.13
C ASN A 83 -0.02 -17.34 3.95
N GLN A 84 -1.30 -17.51 4.17
CA GLN A 84 -2.04 -16.56 4.94
C GLN A 84 -2.04 -16.83 6.42
N HIS A 85 -2.00 -15.76 7.18
CA HIS A 85 -2.07 -15.82 8.60
C HIS A 85 -2.93 -14.69 9.09
N LEU A 86 -4.23 -14.90 9.14
CA LEU A 86 -5.13 -13.83 9.55
C LEU A 86 -5.84 -13.87 10.91
N ASN A 87 -5.40 -14.65 11.85
CA ASN A 87 -6.14 -14.78 13.10
C ASN A 87 -5.73 -13.75 14.09
N GLY A 88 -6.10 -12.52 13.79
CA GLY A 88 -5.83 -11.36 14.60
C GLY A 88 -6.16 -10.06 13.87
N HIS A 89 -5.96 -8.93 14.50
CA HIS A 89 -6.22 -7.66 13.86
C HIS A 89 -5.08 -7.40 12.90
N ALA A 90 -3.90 -7.94 13.18
CA ALA A 90 -2.76 -7.78 12.32
C ALA A 90 -2.54 -9.04 11.51
N GLY A 91 -2.90 -8.98 10.26
CA GLY A 91 -2.80 -10.12 9.40
C GLY A 91 -1.68 -10.12 8.40
N LEU A 92 -1.33 -11.29 7.94
CA LEU A 92 -0.34 -11.40 6.93
C LEU A 92 -0.59 -12.40 5.85
N ILE A 93 -0.08 -12.04 4.69
CA ILE A 93 -0.06 -12.87 3.53
C ILE A 93 1.43 -12.86 3.20
N LEU A 94 2.09 -13.90 3.61
CA LEU A 94 3.51 -13.95 3.64
C LEU A 94 4.19 -14.63 2.48
N ASN A 95 4.56 -13.82 1.50
CA ASN A 95 5.22 -14.28 0.32
C ASN A 95 6.31 -13.31 -0.15
N PRO A 96 7.47 -13.38 0.47
CA PRO A 96 8.61 -12.51 0.13
C PRO A 96 8.92 -12.62 -1.35
N ARG A 97 9.03 -11.49 -2.01
CA ARG A 97 9.33 -11.42 -3.41
C ARG A 97 8.15 -11.68 -4.34
N ASN A 98 7.01 -11.97 -3.75
CA ASN A 98 5.79 -12.17 -4.51
C ASN A 98 4.69 -11.35 -3.83
N LEU A 99 3.50 -11.89 -3.66
CA LEU A 99 2.45 -11.11 -3.03
C LEU A 99 2.58 -11.15 -1.51
N ASP A 100 3.12 -10.07 -0.96
CA ASP A 100 3.47 -9.90 0.41
C ASP A 100 2.62 -8.76 0.99
N LEU A 101 1.65 -9.12 1.80
CA LEU A 101 0.78 -8.13 2.39
C LEU A 101 0.74 -8.11 3.91
N ARG A 102 0.55 -6.94 4.47
CA ARG A 102 0.36 -6.74 5.88
C ARG A 102 -0.97 -6.04 6.02
N LEU A 103 -1.86 -6.66 6.78
CA LEU A 103 -3.20 -6.20 6.95
C LEU A 103 -3.68 -5.74 8.31
N PHE A 104 -4.39 -4.64 8.35
CA PHE A 104 -4.95 -4.17 9.59
C PHE A 104 -6.42 -4.34 9.42
N LEU A 105 -6.85 -5.55 9.67
CA LEU A 105 -8.20 -6.00 9.46
C LEU A 105 -9.37 -5.33 10.09
N ASN A 106 -9.12 -4.62 11.14
CA ASN A 106 -10.16 -3.89 11.79
C ASN A 106 -10.62 -2.71 10.93
N GLN A 107 -9.85 -2.39 9.91
CA GLN A 107 -10.21 -1.30 9.03
C GLN A 107 -11.00 -1.69 7.81
N TRP A 108 -11.18 -2.97 7.58
CA TRP A 108 -11.83 -3.48 6.40
C TRP A 108 -13.32 -3.54 6.58
N ALA A 109 -14.02 -2.70 5.85
CA ALA A 109 -15.46 -2.53 5.94
C ALA A 109 -16.41 -3.08 4.93
N SER A 110 -16.08 -2.94 3.68
CA SER A 110 -16.96 -3.39 2.65
C SER A 110 -16.21 -3.97 1.47
N ALA A 111 -16.92 -4.74 0.67
CA ALA A 111 -16.36 -5.36 -0.48
C ALA A 111 -17.38 -5.49 -1.60
N PHE A 112 -16.88 -5.31 -2.81
CA PHE A 112 -17.66 -5.37 -3.99
C PHE A 112 -16.89 -6.07 -5.08
N THR A 113 -17.60 -6.50 -6.09
CA THR A 113 -17.03 -7.10 -7.25
C THR A 113 -17.48 -6.36 -8.49
N LEU A 114 -16.57 -6.09 -9.41
CA LEU A 114 -16.91 -5.37 -10.61
C LEU A 114 -16.54 -6.06 -11.88
N THR A 115 -17.33 -5.83 -12.92
CA THR A 115 -17.02 -6.32 -14.22
C THR A 115 -17.32 -5.09 -15.05
N GLU A 116 -16.30 -4.37 -15.39
CA GLU A 116 -16.48 -3.14 -16.06
C GLU A 116 -15.81 -3.01 -17.39
N GLU A 117 -16.42 -2.20 -18.23
CA GLU A 117 -15.85 -1.91 -19.53
C GLU A 117 -14.99 -0.69 -19.28
N THR A 118 -13.73 -0.72 -19.62
CA THR A 118 -12.89 0.45 -19.42
C THR A 118 -12.45 0.94 -20.81
N ARG A 119 -11.65 1.98 -20.84
CA ARG A 119 -11.14 2.49 -22.09
C ARG A 119 -10.16 1.49 -22.70
N HIS A 120 -9.74 0.54 -21.89
CA HIS A 120 -8.79 -0.51 -22.27
C HIS A 120 -9.26 -1.94 -22.29
N GLY A 121 -10.55 -2.14 -22.13
CA GLY A 121 -11.08 -3.49 -22.13
C GLY A 121 -11.82 -3.87 -20.86
N VAL A 122 -12.37 -5.07 -20.87
CA VAL A 122 -13.12 -5.61 -19.75
C VAL A 122 -12.26 -6.13 -18.63
N ARG A 123 -12.49 -5.62 -17.45
CA ARG A 123 -11.78 -5.98 -16.26
C ARG A 123 -12.70 -6.53 -15.19
N HIS A 124 -12.29 -7.61 -14.57
CA HIS A 124 -13.02 -8.20 -13.46
C HIS A 124 -12.21 -8.01 -12.19
N SER A 125 -12.82 -7.55 -11.11
CA SER A 125 -12.12 -7.38 -9.87
C SER A 125 -12.96 -7.49 -8.63
N ILE A 126 -12.27 -7.57 -7.52
CA ILE A 126 -12.84 -7.55 -6.22
C ILE A 126 -12.18 -6.40 -5.51
N GLN A 127 -12.98 -5.51 -4.92
CA GLN A 127 -12.48 -4.33 -4.28
C GLN A 127 -12.95 -4.21 -2.85
N PHE A 128 -12.01 -3.88 -1.97
CA PHE A 128 -12.21 -3.72 -0.57
C PHE A 128 -12.06 -2.26 -0.15
N PHE A 129 -12.97 -1.79 0.70
CA PHE A 129 -13.02 -0.42 1.21
C PHE A 129 -13.02 -0.33 2.71
N ASP A 130 -12.52 0.78 3.22
CA ASP A 130 -12.42 1.01 4.64
C ASP A 130 -13.63 1.74 5.23
N HIS A 131 -13.57 1.99 6.51
CA HIS A 131 -14.68 2.62 7.18
C HIS A 131 -14.96 4.05 6.78
N GLN A 132 -14.00 4.64 6.10
CA GLN A 132 -14.10 6.00 5.61
C GLN A 132 -14.46 6.01 4.14
N GLY A 133 -14.63 4.82 3.56
CA GLY A 133 -15.00 4.58 2.19
C GLY A 133 -13.88 4.60 1.18
N ASP A 134 -12.66 4.61 1.68
CA ASP A 134 -11.50 4.65 0.83
C ASP A 134 -11.08 3.26 0.44
N ALA A 135 -10.43 3.14 -0.68
CA ALA A 135 -9.97 1.85 -1.14
C ALA A 135 -8.84 1.34 -0.31
N LEU A 136 -8.88 0.08 0.01
CA LEU A 136 -7.86 -0.58 0.75
C LEU A 136 -7.00 -1.46 -0.17
N HIS A 137 -7.66 -2.18 -1.04
CA HIS A 137 -7.01 -3.24 -1.80
C HIS A 137 -7.90 -3.69 -2.94
N LYS A 138 -7.29 -3.97 -4.07
CA LYS A 138 -8.02 -4.45 -5.25
C LYS A 138 -7.34 -5.69 -5.83
N VAL A 139 -8.16 -6.60 -6.26
CA VAL A 139 -7.71 -7.83 -6.86
C VAL A 139 -8.24 -7.93 -8.28
N TYR A 140 -7.36 -7.99 -9.25
CA TYR A 140 -7.77 -8.12 -10.62
C TYR A 140 -7.48 -9.46 -11.24
N VAL A 141 -8.40 -9.90 -12.09
CA VAL A 141 -8.25 -11.11 -12.84
C VAL A 141 -7.22 -10.90 -13.94
N THR A 142 -6.43 -11.92 -14.21
CA THR A 142 -5.44 -11.91 -15.25
C THR A 142 -5.62 -13.13 -16.11
N GLU A 143 -4.81 -13.28 -17.12
CA GLU A 143 -4.90 -14.43 -18.01
C GLU A 143 -4.56 -15.71 -17.35
N GLN A 144 -3.94 -15.64 -16.20
CA GLN A 144 -3.58 -16.83 -15.50
C GLN A 144 -4.52 -17.20 -14.36
N THR A 145 -5.45 -16.35 -14.06
CA THR A 145 -6.35 -16.63 -12.99
C THR A 145 -7.14 -17.89 -13.30
N ASP A 146 -7.50 -18.64 -12.27
CA ASP A 146 -8.31 -19.83 -12.41
C ASP A 146 -9.74 -19.34 -12.45
N MET A 147 -10.30 -19.18 -13.64
CA MET A 147 -11.63 -18.66 -13.81
C MET A 147 -12.77 -19.39 -13.18
N PRO A 148 -12.80 -20.69 -13.27
CA PRO A 148 -13.88 -21.41 -12.61
C PRO A 148 -13.88 -21.17 -11.11
N ALA A 149 -12.71 -21.09 -10.52
CA ALA A 149 -12.57 -20.83 -9.10
C ALA A 149 -12.98 -19.42 -8.74
N TRP A 150 -12.66 -18.45 -9.59
CA TRP A 150 -13.07 -17.07 -9.36
C TRP A 150 -14.60 -16.99 -9.42
N GLU A 151 -15.17 -17.62 -10.44
CA GLU A 151 -16.58 -17.61 -10.62
C GLU A 151 -17.26 -18.30 -9.44
N ALA A 152 -16.70 -19.37 -8.95
CA ALA A 152 -17.27 -20.04 -7.82
C ALA A 152 -17.17 -19.27 -6.54
N LEU A 153 -16.14 -18.46 -6.39
CA LEU A 153 -15.98 -17.65 -5.21
C LEU A 153 -17.05 -16.57 -5.21
N LEU A 154 -17.26 -15.95 -6.35
CA LEU A 154 -18.24 -14.92 -6.42
C LEU A 154 -19.62 -15.47 -6.13
N ALA A 155 -19.92 -16.64 -6.64
CA ALA A 155 -21.23 -17.24 -6.40
C ALA A 155 -21.51 -17.44 -4.94
N GLN A 156 -20.46 -17.63 -4.17
CA GLN A 156 -20.60 -17.82 -2.75
C GLN A 156 -20.65 -16.59 -1.91
N PHE A 157 -20.09 -15.52 -2.42
CA PHE A 157 -19.98 -14.29 -1.70
C PHE A 157 -20.86 -13.14 -2.13
N ILE A 158 -21.41 -13.23 -3.31
CA ILE A 158 -22.25 -12.18 -3.77
C ILE A 158 -23.54 -12.16 -2.95
N THR A 159 -24.02 -10.97 -2.64
CA THR A 159 -25.26 -10.81 -1.89
C THR A 159 -26.25 -9.99 -2.69
N THR A 160 -27.53 -10.34 -2.61
CA THR A 160 -28.60 -9.65 -3.32
C THR A 160 -28.85 -8.27 -2.73
N GLU A 161 -28.60 -8.15 -1.45
CA GLU A 161 -28.78 -6.92 -0.70
C GLU A 161 -27.60 -5.98 -0.80
N ASN A 162 -27.85 -4.68 -0.83
CA ASN A 162 -26.82 -3.68 -0.90
C ASN A 162 -27.07 -2.59 0.11
N PRO A 163 -27.00 -2.93 1.37
CA PRO A 163 -27.21 -1.95 2.42
C PRO A 163 -26.34 -0.73 2.36
N GLU A 164 -26.91 0.36 2.83
CA GLU A 164 -26.21 1.59 2.85
C GLU A 164 -24.99 1.40 3.66
N LEU A 165 -23.93 2.08 3.26
CA LEU A 165 -22.67 1.98 3.94
C LEU A 165 -22.66 2.80 5.20
N GLN A 166 -22.14 2.25 6.27
CA GLN A 166 -22.04 2.95 7.53
C GLN A 166 -20.66 3.51 7.62
N LEU A 167 -20.48 4.69 7.08
CA LEU A 167 -19.19 5.30 7.10
C LEU A 167 -18.95 6.05 8.38
N GLU A 168 -17.70 6.32 8.70
CA GLU A 168 -17.35 7.07 9.88
C GLU A 168 -16.25 8.01 9.64
N PRO A 169 -15.91 8.76 10.64
CA PRO A 169 -14.85 9.75 10.55
C PRO A 169 -13.59 9.32 11.22
N ALA A 180 4.74 12.71 26.43
CA ALA A 180 4.48 13.97 25.82
C ALA A 180 5.82 14.50 25.43
N THR A 181 6.86 14.09 26.13
CA THR A 181 8.14 14.72 25.90
C THR A 181 9.16 14.14 24.98
N ASP A 182 9.75 15.00 24.21
CA ASP A 182 10.75 14.54 23.35
C ASP A 182 11.66 13.55 23.96
N GLU A 183 12.14 13.82 25.15
CA GLU A 183 13.11 12.92 25.75
C GLU A 183 12.60 11.56 26.00
N ALA A 184 11.36 11.46 26.41
CA ALA A 184 10.77 10.18 26.69
C ALA A 184 10.57 9.39 25.38
N VAL A 185 10.01 10.06 24.38
CA VAL A 185 9.78 9.44 23.11
C VAL A 185 11.09 8.85 22.69
N ASP A 186 12.12 9.66 22.71
CA ASP A 186 13.45 9.24 22.34
C ASP A 186 13.92 7.98 23.03
N ALA A 187 13.77 7.92 24.33
CA ALA A 187 14.19 6.76 25.09
C ALA A 187 13.34 5.52 24.77
N GLU A 188 12.04 5.72 24.58
CA GLU A 188 11.15 4.63 24.16
C GLU A 188 11.54 4.03 22.82
N TRP A 189 11.88 4.90 21.86
CA TRP A 189 12.30 4.44 20.55
C TRP A 189 13.60 3.61 20.69
N ARG A 190 14.53 4.07 21.52
CA ARG A 190 15.79 3.35 21.69
C ARG A 190 15.62 2.01 22.39
N ALA A 191 14.58 1.91 23.20
CA ALA A 191 14.29 0.74 23.99
C ALA A 191 13.61 -0.37 23.20
N MET A 192 13.15 -0.09 21.99
CA MET A 192 12.48 -1.07 21.18
C MET A 192 13.38 -2.25 20.87
N THR A 193 12.80 -3.43 20.72
CA THR A 193 13.60 -4.58 20.41
C THR A 193 13.35 -5.06 19.02
N ASP A 194 12.33 -4.51 18.41
CA ASP A 194 11.99 -4.84 17.07
C ASP A 194 11.17 -3.75 16.38
N VAL A 195 11.32 -3.61 15.07
CA VAL A 195 10.60 -2.57 14.38
C VAL A 195 9.13 -2.63 14.57
N HIS A 196 8.58 -3.83 14.58
CA HIS A 196 7.16 -3.97 14.74
C HIS A 196 6.58 -3.30 16.01
N GLU A 197 7.44 -2.90 16.94
CA GLU A 197 6.94 -2.24 18.14
C GLU A 197 6.65 -0.76 17.96
N PHE A 198 7.05 -0.23 16.81
CA PHE A 198 6.86 1.16 16.50
C PHE A 198 5.40 1.58 16.49
N PHE A 199 4.50 0.77 15.96
CA PHE A 199 3.09 1.17 15.93
C PHE A 199 2.51 1.38 17.32
N GLN A 200 2.84 0.52 18.26
CA GLN A 200 2.39 0.70 19.62
C GLN A 200 3.06 1.98 20.16
N LEU A 201 4.34 2.15 19.88
CA LEU A 201 4.99 3.40 20.24
C LEU A 201 4.24 4.62 19.84
N LEU A 202 3.79 4.70 18.60
CA LEU A 202 3.06 5.85 18.13
C LEU A 202 1.67 6.00 18.77
N LYS A 203 1.03 4.86 18.96
CA LYS A 203 -0.28 4.79 19.54
C LYS A 203 -0.24 5.27 21.01
N ARG A 204 0.72 4.83 21.78
CA ARG A 204 0.77 5.25 23.16
C ARG A 204 1.12 6.68 23.46
N ASN A 205 1.73 7.37 22.52
CA ASN A 205 2.08 8.75 22.73
C ASN A 205 1.23 9.63 21.88
N ASN A 206 0.30 9.04 21.17
CA ASN A 206 -0.60 9.78 20.34
C ASN A 206 0.16 10.67 19.37
N LEU A 207 1.00 10.05 18.56
CA LEU A 207 1.84 10.77 17.62
C LEU A 207 1.68 10.27 16.22
N THR A 208 1.96 11.13 15.26
CA THR A 208 2.09 10.71 13.88
C THR A 208 3.52 10.38 13.63
N ARG A 209 3.79 9.72 12.53
CA ARG A 209 5.14 9.30 12.24
CA ARG A 209 5.14 9.30 12.23
C ARG A 209 6.03 10.54 12.20
N GLN A 210 5.60 11.58 11.51
CA GLN A 210 6.40 12.78 11.42
C GLN A 210 6.65 13.50 12.72
N GLN A 211 5.65 13.46 13.58
CA GLN A 211 5.76 14.05 14.88
C GLN A 211 6.78 13.26 15.72
N ALA A 212 6.80 11.95 15.63
CA ALA A 212 7.78 11.21 16.37
C ALA A 212 9.18 11.47 15.83
N PHE A 213 9.28 11.62 14.52
CA PHE A 213 10.55 11.83 13.87
C PHE A 213 11.16 13.13 14.34
N ARG A 214 10.34 14.14 14.47
CA ARG A 214 10.77 15.43 14.93
C ARG A 214 11.16 15.45 16.40
N ALA A 215 10.49 14.67 17.21
CA ALA A 215 10.78 14.60 18.63
C ALA A 215 12.07 13.92 18.97
N VAL A 216 12.37 12.81 18.36
CA VAL A 216 13.57 12.12 18.65
C VAL A 216 14.90 12.71 18.17
N GLY A 217 15.99 12.13 18.62
CA GLY A 217 17.28 12.56 18.22
C GLY A 217 17.55 12.43 16.75
N ASN A 218 18.46 13.25 16.25
CA ASN A 218 18.78 13.20 14.87
C ASN A 218 19.56 12.00 14.43
N ASP A 219 19.96 11.17 15.36
CA ASP A 219 20.67 9.98 15.01
C ASP A 219 19.64 8.93 14.67
N LEU A 220 18.42 9.13 15.16
CA LEU A 220 17.31 8.19 14.93
C LEU A 220 16.44 8.53 13.75
N ALA A 221 16.32 9.79 13.47
CA ALA A 221 15.54 10.25 12.37
C ALA A 221 16.02 11.59 11.87
N TYR A 222 16.40 11.66 10.61
CA TYR A 222 16.89 12.88 10.00
C TYR A 222 16.37 13.10 8.58
N GLN A 223 16.21 14.35 8.20
CA GLN A 223 15.73 14.68 6.89
C GLN A 223 16.76 14.72 5.79
N VAL A 224 16.38 14.26 4.61
CA VAL A 224 17.23 14.29 3.47
C VAL A 224 16.50 15.00 2.35
N ASP A 225 17.19 15.30 1.28
CA ASP A 225 16.60 15.99 0.19
C ASP A 225 15.54 15.16 -0.48
N ASN A 226 14.53 15.83 -0.99
CA ASN A 226 13.43 15.18 -1.69
C ASN A 226 13.75 14.41 -2.95
N SER A 227 14.99 14.53 -3.38
CA SER A 227 15.46 13.85 -4.55
C SER A 227 16.02 12.53 -4.12
N SER A 228 16.03 12.26 -2.84
CA SER A 228 16.58 11.02 -2.34
C SER A 228 15.97 9.72 -2.90
N LEU A 229 14.67 9.71 -3.09
CA LEU A 229 14.06 8.51 -3.63
C LEU A 229 14.62 8.16 -4.99
N THR A 230 14.62 9.13 -5.89
CA THR A 230 15.14 8.85 -7.20
C THR A 230 16.57 8.42 -7.17
N GLN A 231 17.36 9.05 -6.33
CA GLN A 231 18.73 8.69 -6.23
C GLN A 231 18.88 7.28 -5.77
N LEU A 232 18.13 6.91 -4.76
CA LEU A 232 18.19 5.60 -4.25
CA LEU A 232 18.20 5.56 -4.26
C LEU A 232 17.71 4.53 -5.24
N LEU A 233 16.65 4.78 -5.95
CA LEU A 233 16.18 3.76 -6.87
C LEU A 233 17.17 3.54 -8.00
N ASN A 234 17.77 4.61 -8.43
CA ASN A 234 18.76 4.52 -9.51
C ASN A 234 20.04 3.85 -9.07
N ILE A 235 20.45 4.09 -7.84
CA ILE A 235 21.60 3.38 -7.28
C ILE A 235 21.32 1.89 -7.16
N ALA A 236 20.14 1.52 -6.68
CA ALA A 236 19.82 0.11 -6.55
C ALA A 236 19.70 -0.54 -7.91
N GLN A 237 19.17 0.19 -8.89
CA GLN A 237 19.05 -0.36 -10.22
C GLN A 237 20.42 -0.68 -10.82
N GLN A 238 21.41 0.14 -10.51
CA GLN A 238 22.74 -0.04 -11.05
C GLN A 238 23.51 -1.12 -10.34
N GLU A 239 23.37 -1.19 -9.03
CA GLU A 239 24.08 -2.13 -8.21
C GLU A 239 23.43 -3.49 -8.04
N GLN A 240 22.15 -3.57 -8.33
CA GLN A 240 21.41 -4.78 -8.23
C GLN A 240 21.40 -5.49 -6.90
N ASN A 241 21.34 -4.70 -5.85
CA ASN A 241 21.11 -5.25 -4.54
C ASN A 241 19.60 -5.32 -4.32
N GLU A 242 19.15 -6.27 -3.53
CA GLU A 242 17.73 -6.39 -3.30
C GLU A 242 17.28 -5.39 -2.28
N ILE A 243 16.16 -4.75 -2.55
CA ILE A 243 15.59 -3.81 -1.64
C ILE A 243 14.12 -4.14 -1.40
N MET A 244 13.50 -3.40 -0.51
CA MET A 244 12.09 -3.59 -0.22
C MET A 244 11.37 -2.30 -0.40
N ILE A 245 10.19 -2.30 -1.02
CA ILE A 245 9.42 -1.08 -1.18
C ILE A 245 8.06 -1.32 -0.56
N PHE A 246 7.68 -0.50 0.39
CA PHE A 246 6.42 -0.66 1.07
C PHE A 246 5.49 0.46 0.63
N VAL A 247 4.27 0.15 0.23
CA VAL A 247 3.32 1.17 -0.10
C VAL A 247 2.04 0.82 0.64
N GLY A 248 1.51 1.72 1.42
CA GLY A 248 0.31 1.39 2.12
C GLY A 248 -0.69 2.47 2.39
N ASN A 249 -1.75 2.06 3.08
CA ASN A 249 -2.82 2.91 3.50
C ASN A 249 -3.28 2.51 4.90
N ARG A 250 -4.40 3.00 5.37
CA ARG A 250 -4.80 2.64 6.71
C ARG A 250 -5.07 1.21 7.04
N GLY A 251 -5.39 0.40 6.05
CA GLY A 251 -5.65 -0.97 6.35
C GLY A 251 -4.80 -1.99 5.64
N CYS A 252 -3.94 -1.53 4.76
CA CYS A 252 -3.15 -2.46 4.00
C CYS A 252 -1.79 -1.90 3.59
N VAL A 253 -0.76 -2.75 3.65
CA VAL A 253 0.58 -2.46 3.23
C VAL A 253 1.06 -3.61 2.35
N GLN A 254 1.49 -3.27 1.17
CA GLN A 254 1.99 -4.22 0.17
C GLN A 254 3.50 -4.04 0.05
N ILE A 255 4.24 -5.13 0.00
CA ILE A 255 5.68 -5.06 0.00
C ILE A 255 6.33 -5.75 -1.14
N PHE A 256 7.17 -5.04 -1.86
CA PHE A 256 7.96 -5.60 -2.92
C PHE A 256 9.32 -5.83 -2.37
N THR A 257 9.88 -6.99 -2.70
CA THR A 257 11.21 -7.33 -2.29
C THR A 257 11.89 -7.81 -3.54
N GLY A 258 13.04 -7.27 -3.85
CA GLY A 258 13.74 -7.68 -5.05
C GLY A 258 14.68 -6.64 -5.63
N MET A 259 15.17 -6.95 -6.81
CA MET A 259 16.06 -6.06 -7.52
C MET A 259 15.26 -5.13 -8.39
N ILE A 260 15.74 -3.92 -8.54
CA ILE A 260 15.04 -2.98 -9.35
C ILE A 260 15.53 -3.15 -10.76
N GLU A 261 14.64 -3.49 -11.66
CA GLU A 261 15.00 -3.68 -13.05
C GLU A 261 15.03 -2.40 -13.93
N LYS A 262 14.05 -1.54 -13.78
CA LYS A 262 13.94 -0.36 -14.55
C LYS A 262 13.24 0.72 -13.79
N VAL A 263 13.81 1.90 -13.78
CA VAL A 263 13.15 3.00 -13.15
C VAL A 263 13.02 4.06 -14.18
N THR A 264 11.86 4.65 -14.33
CA THR A 264 11.67 5.64 -15.31
C THR A 264 10.81 6.78 -14.86
N PRO A 265 11.33 7.97 -14.95
CA PRO A 265 10.57 9.11 -14.56
C PRO A 265 9.71 9.59 -15.70
N HIS A 266 8.59 10.18 -15.39
CA HIS A 266 7.73 10.69 -16.41
C HIS A 266 6.88 11.80 -15.89
N GLN A 267 7.25 13.01 -16.26
CA GLN A 267 6.57 14.18 -15.76
C GLN A 267 6.58 14.17 -14.24
N ASP A 268 5.42 14.25 -13.62
CA ASP A 268 5.38 14.29 -12.20
C ASP A 268 5.61 12.93 -11.54
N TRP A 269 5.71 11.88 -12.34
CA TRP A 269 5.85 10.54 -11.85
C TRP A 269 7.19 9.86 -11.87
N ILE A 270 7.36 8.93 -10.95
CA ILE A 270 8.52 8.09 -10.93
C ILE A 270 7.97 6.69 -10.99
N ASN A 271 8.48 5.85 -11.85
CA ASN A 271 7.96 4.51 -11.98
C ASN A 271 9.01 3.42 -11.90
N VAL A 272 8.62 2.28 -11.37
CA VAL A 272 9.50 1.14 -11.33
C VAL A 272 8.75 0.08 -12.11
N PHE A 273 9.36 -0.47 -13.15
CA PHE A 273 8.76 -1.48 -13.99
C PHE A 273 9.56 -2.75 -13.92
N ASN A 274 9.06 -3.73 -13.19
CA ASN A 274 9.70 -5.01 -13.06
C ASN A 274 8.78 -6.01 -13.77
N GLN A 275 9.19 -7.24 -13.89
CA GLN A 275 8.36 -8.17 -14.59
C GLN A 275 7.02 -8.41 -13.95
N ARG A 276 7.01 -8.47 -12.64
CA ARG A 276 5.79 -8.75 -11.92
C ARG A 276 5.39 -7.72 -10.91
N PHE A 277 6.04 -6.60 -10.92
CA PHE A 277 5.76 -5.52 -10.01
C PHE A 277 5.84 -4.20 -10.69
N THR A 278 4.95 -3.31 -10.35
CA THR A 278 4.98 -1.97 -10.85
C THR A 278 4.72 -0.98 -9.75
N LEU A 279 5.50 0.07 -9.71
CA LEU A 279 5.30 1.15 -8.76
C LEU A 279 5.02 2.37 -9.56
N HIS A 280 4.02 3.15 -9.17
CA HIS A 280 3.72 4.42 -9.81
C HIS A 280 3.69 5.38 -8.61
N LEU A 281 4.57 6.35 -8.56
CA LEU A 281 4.61 7.28 -7.43
C LEU A 281 4.73 8.72 -7.93
N ILE A 282 3.96 9.61 -7.35
CA ILE A 282 4.00 11.00 -7.74
C ILE A 282 5.12 11.73 -7.04
N GLU A 283 6.27 11.72 -7.65
CA GLU A 283 7.46 12.29 -7.08
C GLU A 283 7.31 13.71 -6.57
N THR A 284 6.55 14.49 -7.30
CA THR A 284 6.37 15.87 -6.96
C THR A 284 5.57 16.16 -5.71
N THR A 285 4.92 15.13 -5.17
CA THR A 285 4.19 15.30 -3.97
C THR A 285 5.01 14.96 -2.73
N ILE A 286 6.24 14.53 -2.92
CA ILE A 286 7.07 14.25 -1.79
C ILE A 286 7.42 15.56 -1.19
N ALA A 287 6.99 15.77 0.03
CA ALA A 287 7.26 16.99 0.75
C ALA A 287 8.35 16.87 1.77
N GLU A 288 8.45 15.71 2.39
CA GLU A 288 9.47 15.42 3.37
C GLU A 288 10.01 14.03 3.17
N SER A 289 11.31 13.92 3.24
CA SER A 289 12.01 12.68 3.10
C SER A 289 12.90 12.46 4.33
N TRP A 290 12.66 11.36 5.04
CA TRP A 290 13.37 11.03 6.24
C TRP A 290 14.11 9.72 6.20
N ILE A 291 15.22 9.70 6.92
CA ILE A 291 15.98 8.48 7.09
C ILE A 291 15.80 8.14 8.55
N THR A 292 15.34 6.94 8.84
CA THR A 292 15.10 6.56 10.21
C THR A 292 15.78 5.27 10.51
N ARG A 293 16.19 5.10 11.76
CA ARG A 293 16.77 3.88 12.21
C ARG A 293 16.12 3.34 13.44
N LYS A 294 15.75 2.09 13.35
CA LYS A 294 15.01 1.41 14.37
C LYS A 294 15.71 0.15 14.78
N PRO A 295 15.73 -0.13 16.06
CA PRO A 295 16.43 -1.29 16.54
C PRO A 295 15.80 -2.64 16.33
N THR A 296 16.64 -3.64 16.23
CA THR A 296 16.23 -5.03 16.10
C THR A 296 17.25 -5.97 16.70
N LYS A 297 16.86 -7.20 16.90
CA LYS A 297 17.76 -8.17 17.46
C LYS A 297 18.97 -8.44 16.62
N ASP A 298 18.91 -8.10 15.35
CA ASP A 298 20.00 -8.34 14.45
C ASP A 298 20.66 -7.00 14.19
N GLY A 299 20.36 -6.00 14.99
CA GLY A 299 20.94 -4.70 14.79
C GLY A 299 19.97 -3.67 14.29
N PHE A 300 20.46 -2.48 13.95
CA PHE A 300 19.56 -1.43 13.47
C PHE A 300 19.22 -1.64 12.02
N VAL A 301 18.04 -1.16 11.66
CA VAL A 301 17.56 -1.19 10.30
C VAL A 301 17.22 0.25 9.91
N THR A 302 17.61 0.61 8.73
CA THR A 302 17.46 1.93 8.24
C THR A 302 16.50 2.04 7.10
N SER A 303 15.60 3.00 7.17
CA SER A 303 14.73 3.19 6.03
CA SER A 303 14.63 3.22 6.15
C SER A 303 14.56 4.59 5.55
N LEU A 304 14.19 4.69 4.31
CA LEU A 304 13.83 5.96 3.74
C LEU A 304 12.31 6.09 3.70
N GLU A 305 11.78 7.07 4.41
CA GLU A 305 10.37 7.30 4.50
C GLU A 305 9.94 8.58 3.86
N LEU A 306 8.95 8.52 2.98
CA LEU A 306 8.47 9.69 2.27
C LEU A 306 7.08 10.12 2.66
N PHE A 307 6.87 11.42 2.83
CA PHE A 307 5.59 11.95 3.21
C PHE A 307 5.12 13.06 2.34
N ALA A 308 3.82 13.13 2.21
CA ALA A 308 3.17 14.16 1.47
C ALA A 308 2.87 15.32 2.41
N ALA A 309 2.54 16.44 1.83
CA ALA A 309 2.23 17.63 2.61
C ALA A 309 1.18 17.41 3.66
N ASP A 310 0.24 16.52 3.40
CA ASP A 310 -0.81 16.24 4.36
C ASP A 310 -0.46 15.24 5.42
N GLY A 311 0.77 14.79 5.44
CA GLY A 311 1.20 13.84 6.43
C GLY A 311 1.08 12.39 6.02
N THR A 312 0.57 12.15 4.84
CA THR A 312 0.44 10.80 4.39
C THR A 312 1.79 10.17 4.11
N GLN A 313 2.00 8.94 4.55
CA GLN A 313 3.23 8.25 4.23
C GLN A 313 3.07 7.72 2.84
N ILE A 314 3.85 8.20 1.92
CA ILE A 314 3.76 7.83 0.56
C ILE A 314 4.31 6.45 0.28
N ALA A 315 5.49 6.20 0.82
CA ALA A 315 6.15 4.94 0.68
C ALA A 315 7.30 4.88 1.61
N GLN A 316 7.85 3.71 1.72
CA GLN A 316 9.03 3.48 2.51
C GLN A 316 9.91 2.38 1.97
N LEU A 317 11.21 2.60 2.03
CA LEU A 317 12.17 1.66 1.53
C LEU A 317 13.08 1.12 2.59
N TYR A 318 13.48 -0.13 2.43
CA TYR A 318 14.39 -0.80 3.32
C TYR A 318 15.23 -1.70 2.42
N GLY A 319 16.26 -2.28 2.96
CA GLY A 319 17.04 -3.20 2.20
C GLY A 319 16.50 -4.58 2.53
N GLN A 320 16.72 -5.53 1.66
CA GLN A 320 16.28 -6.87 1.89
C GLN A 320 16.96 -7.38 3.11
N ARG A 321 16.24 -8.11 3.93
CA ARG A 321 16.81 -8.72 5.12
C ARG A 321 16.00 -9.90 5.61
N THR A 322 16.65 -10.90 6.15
CA THR A 322 15.92 -12.02 6.76
C THR A 322 16.30 -12.10 8.22
N GLU A 323 15.46 -12.67 9.05
CA GLU A 323 15.76 -12.79 10.45
C GLU A 323 17.06 -13.48 10.68
N GLY A 324 17.86 -12.96 11.60
CA GLY A 324 19.14 -13.53 11.92
C GLY A 324 20.26 -13.10 11.02
N GLN A 325 20.05 -11.99 10.35
CA GLN A 325 21.02 -11.43 9.48
C GLN A 325 20.98 -9.93 9.74
N PRO A 326 22.12 -9.28 9.82
CA PRO A 326 22.07 -7.84 10.03
C PRO A 326 21.71 -7.15 8.73
N GLU A 327 21.46 -5.86 8.83
CA GLU A 327 21.11 -5.03 7.72
C GLU A 327 22.12 -5.12 6.61
N GLN A 328 21.68 -5.06 5.39
CA GLN A 328 22.57 -5.18 4.25
C GLN A 328 23.61 -4.07 4.23
N THR A 329 24.87 -4.42 4.03
CA THR A 329 25.88 -3.38 4.00
C THR A 329 25.79 -2.49 2.82
N GLN A 330 25.50 -3.05 1.69
CA GLN A 330 25.37 -2.27 0.53
C GLN A 330 24.29 -1.20 0.71
N TRP A 331 23.16 -1.56 1.32
CA TRP A 331 22.07 -0.63 1.54
C TRP A 331 22.53 0.53 2.40
N ARG A 332 23.22 0.18 3.47
CA ARG A 332 23.71 1.14 4.42
C ARG A 332 24.62 2.12 3.73
N ASP A 333 25.37 1.67 2.77
CA ASP A 333 26.25 2.53 2.04
C ASP A 333 25.58 3.40 1.08
N GLN A 334 24.47 2.91 0.58
CA GLN A 334 23.69 3.62 -0.37
C GLN A 334 22.99 4.79 0.30
N ILE A 335 22.49 4.55 1.48
CA ILE A 335 21.80 5.57 2.24
C ILE A 335 22.75 6.63 2.68
N ALA A 336 23.99 6.24 2.85
CA ALA A 336 25.00 7.15 3.27
C ALA A 336 25.35 8.16 2.22
N ARG A 337 25.00 7.89 0.99
CA ARG A 337 25.31 8.80 -0.07
C ARG A 337 24.30 9.86 -0.32
N LEU A 338 23.22 9.84 0.42
CA LEU A 338 22.17 10.80 0.23
C LEU A 338 22.53 12.09 0.94
N ASN A 339 21.98 13.18 0.51
CA ASN A 339 22.30 14.46 1.12
C ASN A 339 21.35 14.91 2.19
N ASN A 340 21.86 15.33 3.33
CA ASN A 340 21.03 15.77 4.40
C ASN A 340 20.36 17.06 4.09
N LYS A 341 19.27 17.28 4.76
CA LYS A 341 18.53 18.50 4.67
C LYS A 341 17.18 18.51 4.03
#